data_5HYK
#
_entry.id   5HYK
#
_cell.length_a   63.650
_cell.length_b   63.650
_cell.length_c   126.000
_cell.angle_alpha   90.00
_cell.angle_beta   90.00
_cell.angle_gamma   90.00
#
_symmetry.space_group_name_H-M   'P 41 21 2'
#
loop_
_entity.id
_entity.type
_entity.pdbx_description
1 polymer 'Peroxisome proliferator-activated receptor alpha'
2 non-polymer '2-methyl-2-[4-(naphthalen-1-yl)phenoxy]propanoic acid'
3 water water
#
_entity_poly.entity_id   1
_entity_poly.type   'polypeptide(L)'
_entity_poly.pdbx_seq_one_letter_code
;GSHTADLKSLAKRIYEAYLKNFNMNKVKARVILSGKASNNPPFVIHDMETLCMAEKTLVAKLVANGIQNKEAEVRIFHCC
QCTSVETVTELTEFAKAIPGFANLDLNDQVTLLKYGVYEAIFAMLSSVMNKDGMLVAYGNGFITREFLKSLRKPFCDIME
PKFDFAMKFNALELDDSDISLFVAAIICCGDRPGLLNVGHIEKMQEGIVHVLRLHLQSNHPDDIFLFPKLLQKMADLRQL
VTEHAQLVQIIKKTESDAALHPLLQEIYRDMY
;
_entity_poly.pdbx_strand_id   A
#
# COMPACT_ATOMS: atom_id res chain seq x y z
N ASP A 6 -23.09 -2.00 -16.75
CA ASP A 6 -22.00 -2.53 -17.57
C ASP A 6 -20.70 -1.77 -17.28
N LEU A 7 -20.86 -0.57 -16.74
CA LEU A 7 -19.76 0.17 -16.15
C LEU A 7 -20.00 0.19 -14.64
N LYS A 8 -21.21 0.59 -14.28
CA LYS A 8 -21.76 0.13 -13.02
C LYS A 8 -21.91 -1.35 -13.27
N SER A 9 -21.55 -2.15 -12.26
CA SER A 9 -21.24 -3.60 -12.32
C SER A 9 -19.75 -3.79 -12.17
N LEU A 10 -18.96 -3.21 -13.07
CA LEU A 10 -17.50 -3.28 -12.96
C LEU A 10 -17.06 -2.65 -11.65
N ALA A 11 -17.61 -1.47 -11.35
CA ALA A 11 -17.30 -0.79 -10.09
C ALA A 11 -17.77 -1.60 -8.90
N LYS A 12 -18.95 -2.21 -9.03
CA LYS A 12 -19.50 -3.05 -7.97
C LYS A 12 -18.68 -4.32 -7.77
N ARG A 13 -18.32 -5.00 -8.85
CA ARG A 13 -17.50 -6.23 -8.76
C ARG A 13 -16.14 -5.94 -8.15
N ILE A 14 -15.55 -4.81 -8.51
CA ILE A 14 -14.24 -4.45 -7.97
C ILE A 14 -14.34 -4.09 -6.48
N TYR A 15 -15.35 -3.32 -6.11
CA TYR A 15 -15.54 -2.98 -4.71
C TYR A 15 -15.77 -4.24 -3.86
N GLU A 16 -16.56 -5.16 -4.38
CA GLU A 16 -16.87 -6.39 -3.63
C GLU A 16 -15.62 -7.25 -3.47
N ALA A 17 -14.78 -7.29 -4.51
CA ALA A 17 -13.51 -8.03 -4.42
C ALA A 17 -12.59 -7.40 -3.39
N TYR A 18 -12.64 -6.08 -3.31
CA TYR A 18 -11.80 -5.34 -2.38
C TYR A 18 -12.27 -5.58 -0.95
N LEU A 19 -13.58 -5.59 -0.74
CA LEU A 19 -14.11 -5.85 0.60
C LEU A 19 -13.81 -7.28 1.05
N LYS A 20 -13.87 -8.22 0.11
CA LYS A 20 -13.63 -9.63 0.45
C LYS A 20 -12.15 -9.91 0.75
N ASN A 21 -11.24 -9.16 0.11
CA ASN A 21 -9.84 -9.58 0.13
C ASN A 21 -8.92 -8.78 1.03
N PHE A 22 -9.36 -7.61 1.50
CA PHE A 22 -8.52 -6.85 2.41
C PHE A 22 -9.13 -6.83 3.79
N ASN A 23 -8.38 -7.37 4.74
CA ASN A 23 -8.80 -7.47 6.12
C ASN A 23 -9.04 -6.09 6.69
N MET A 24 -8.10 -5.21 6.40
CA MET A 24 -8.18 -3.83 6.85
C MET A 24 -8.61 -2.95 5.69
N ASN A 25 -9.64 -2.15 5.93
CA ASN A 25 -10.07 -1.14 4.96
C ASN A 25 -10.32 0.18 5.66
N LYS A 26 -10.75 1.18 4.90
CA LYS A 26 -10.80 2.52 5.48
C LYS A 26 -11.91 2.67 6.52
N VAL A 27 -13.08 2.06 6.30
CA VAL A 27 -14.14 2.12 7.30
C VAL A 27 -13.68 1.51 8.63
N LYS A 28 -13.08 0.33 8.55
CA LYS A 28 -12.57 -0.36 9.73
C LYS A 28 -11.48 0.45 10.44
N ALA A 29 -10.56 1.05 9.68
CA ALA A 29 -9.44 1.77 10.27
C ALA A 29 -9.87 3.05 10.98
N ARG A 30 -10.73 3.84 10.33
CA ARG A 30 -11.18 5.10 10.91
C ARG A 30 -11.86 4.87 12.27
N VAL A 31 -12.76 3.89 12.30
CA VAL A 31 -13.39 3.46 13.55
C VAL A 31 -12.35 3.19 14.63
N ILE A 32 -11.33 2.40 14.27
CA ILE A 32 -10.27 2.06 15.21
C ILE A 32 -9.46 3.27 15.67
N LEU A 33 -9.05 4.11 14.72
CA LEU A 33 -8.11 5.18 15.00
C LEU A 33 -8.56 6.09 16.16
N SER A 34 -8.29 5.60 17.37
CA SER A 34 -8.47 6.32 18.65
C SER A 34 -7.80 5.54 19.78
N PRO A 42 -5.41 1.83 19.15
CA PRO A 42 -5.77 1.48 20.53
C PRO A 42 -4.55 1.53 21.47
N PHE A 43 -3.68 0.53 21.43
CA PHE A 43 -2.47 0.56 22.26
C PHE A 43 -1.34 1.32 21.57
N VAL A 44 -0.87 2.39 22.21
CA VAL A 44 0.09 3.29 21.59
C VAL A 44 1.54 2.93 21.88
N ILE A 45 2.30 2.74 20.79
CA ILE A 45 3.75 2.61 20.85
C ILE A 45 4.38 3.97 20.58
N HIS A 46 4.98 4.58 21.61
CA HIS A 46 5.55 5.91 21.45
C HIS A 46 6.99 6.01 21.95
N ASP A 47 7.51 4.94 22.54
CA ASP A 47 8.90 4.89 22.96
C ASP A 47 9.39 3.44 23.10
N MET A 48 10.66 3.27 23.46
CA MET A 48 11.24 1.93 23.61
C MET A 48 10.50 1.11 24.66
N GLU A 49 10.07 1.78 25.72
CA GLU A 49 9.36 1.14 26.80
C GLU A 49 8.04 0.55 26.32
N THR A 50 7.21 1.39 25.68
CA THR A 50 5.90 0.95 25.19
C THR A 50 6.04 -0.01 24.01
N LEU A 51 7.18 0.04 23.34
CA LEU A 51 7.46 -0.87 22.24
C LEU A 51 7.61 -2.31 22.74
N CYS A 52 8.35 -2.46 23.84
CA CYS A 52 8.59 -3.78 24.40
C CYS A 52 7.31 -4.42 24.93
N MET A 53 6.47 -3.64 25.62
CA MET A 53 5.21 -4.15 26.11
C MET A 53 4.17 -4.32 25.00
N ALA A 54 4.52 -3.85 23.81
CA ALA A 54 3.76 -4.23 22.63
C ALA A 54 4.19 -5.63 22.22
N GLU A 55 5.50 -5.86 22.29
CA GLU A 55 6.07 -7.13 21.89
C GLU A 55 5.85 -8.27 22.89
N LYS A 56 5.08 -8.02 23.95
CA LYS A 56 4.71 -9.10 24.86
C LYS A 56 3.38 -9.71 24.43
N THR A 57 2.74 -9.09 23.44
CA THR A 57 1.42 -9.54 22.98
C THR A 57 1.25 -9.39 21.48
N LEU A 58 1.41 -8.17 20.98
CA LEU A 58 1.07 -7.85 19.60
C LEU A 58 2.00 -8.51 18.57
N VAL A 59 3.29 -8.17 18.64
CA VAL A 59 4.23 -8.61 17.62
C VAL A 59 5.05 -9.82 18.05
N ALA A 60 4.60 -11.00 17.62
CA ALA A 60 5.27 -12.24 17.96
C ALA A 60 5.94 -12.88 16.73
N LYS A 61 6.99 -12.24 16.21
CA LYS A 61 7.81 -12.84 15.16
C LYS A 61 9.28 -12.93 15.59
N LEU A 62 9.94 -11.79 15.83
CA LEU A 62 11.28 -11.81 16.40
C LEU A 62 11.18 -11.72 17.92
N VAL A 63 10.86 -12.84 18.55
CA VAL A 63 10.45 -12.83 19.95
C VAL A 63 11.29 -13.75 20.83
N ASN A 69 16.63 -11.25 21.62
CA ASN A 69 16.23 -9.92 21.16
C ASN A 69 17.17 -9.39 20.07
N LYS A 70 16.91 -8.16 19.64
CA LYS A 70 17.72 -7.53 18.61
C LYS A 70 17.48 -6.01 18.67
N GLU A 71 18.23 -5.25 17.86
CA GLU A 71 18.11 -3.80 17.80
C GLU A 71 16.68 -3.38 17.45
N ALA A 72 16.15 -2.41 18.19
CA ALA A 72 14.75 -2.01 18.08
C ALA A 72 14.35 -1.57 16.67
N GLU A 73 15.25 -0.91 15.95
CA GLU A 73 14.98 -0.51 14.58
C GLU A 73 14.70 -1.70 13.69
N VAL A 74 15.38 -2.81 13.93
CA VAL A 74 15.20 -3.99 13.09
C VAL A 74 13.91 -4.70 13.46
N ARG A 75 13.63 -4.81 14.75
CA ARG A 75 12.39 -5.43 15.18
C ARG A 75 11.18 -4.71 14.58
N ILE A 76 11.24 -3.38 14.61
CA ILE A 76 10.15 -2.56 14.13
C ILE A 76 9.86 -2.83 12.66
N PHE A 77 10.87 -2.68 11.82
CA PHE A 77 10.66 -2.82 10.40
C PHE A 77 10.64 -4.27 9.90
N HIS A 78 11.02 -5.22 10.76
CA HIS A 78 10.73 -6.61 10.44
C HIS A 78 9.23 -6.80 10.56
N CYS A 79 8.66 -6.26 11.63
CA CYS A 79 7.23 -6.30 11.85
C CYS A 79 6.51 -5.58 10.72
N CYS A 80 7.11 -4.50 10.22
CA CYS A 80 6.49 -3.74 9.13
C CYS A 80 6.57 -4.49 7.80
N GLN A 81 7.68 -5.18 7.53
CA GLN A 81 7.79 -5.83 6.23
C GLN A 81 6.91 -7.08 6.20
N CYS A 82 6.66 -7.65 7.38
CA CYS A 82 5.76 -8.80 7.50
C CYS A 82 4.34 -8.37 7.12
N THR A 83 3.97 -7.15 7.49
CA THR A 83 2.65 -6.63 7.12
C THR A 83 2.58 -6.37 5.63
N SER A 84 3.66 -5.85 5.05
CA SER A 84 3.70 -5.60 3.60
C SER A 84 3.52 -6.89 2.84
N VAL A 85 4.21 -7.94 3.29
CA VAL A 85 4.07 -9.25 2.64
C VAL A 85 2.64 -9.79 2.74
N GLU A 86 1.99 -9.56 3.87
CA GLU A 86 0.59 -9.94 4.01
C GLU A 86 -0.28 -9.14 3.04
N THR A 87 0.06 -7.87 2.83
CA THR A 87 -0.71 -7.06 1.87
C THR A 87 -0.48 -7.51 0.43
N VAL A 88 0.76 -7.88 0.12
CA VAL A 88 1.08 -8.44 -1.21
C VAL A 88 0.25 -9.70 -1.48
N THR A 89 0.11 -10.54 -0.46
CA THR A 89 -0.71 -11.74 -0.57
C THR A 89 -2.18 -11.39 -0.89
N GLU A 90 -2.68 -10.38 -0.18
CA GLU A 90 -4.07 -9.95 -0.35
C GLU A 90 -4.27 -9.31 -1.70
N LEU A 91 -3.28 -8.53 -2.14
CA LEU A 91 -3.38 -7.84 -3.43
C LEU A 91 -3.42 -8.86 -4.56
N THR A 92 -2.71 -9.98 -4.38
CA THR A 92 -2.69 -11.01 -5.41
C THR A 92 -4.08 -11.64 -5.53
N GLU A 93 -4.74 -11.91 -4.40
CA GLU A 93 -6.09 -12.45 -4.47
C GLU A 93 -7.08 -11.43 -5.06
N PHE A 94 -6.97 -10.19 -4.63
CA PHE A 94 -7.79 -9.10 -5.18
C PHE A 94 -7.67 -9.01 -6.71
N ALA A 95 -6.44 -9.03 -7.21
CA ALA A 95 -6.21 -8.90 -8.65
C ALA A 95 -6.86 -10.05 -9.43
N LYS A 96 -6.77 -11.26 -8.90
CA LYS A 96 -7.41 -12.41 -9.57
C LYS A 96 -8.92 -12.20 -9.71
N ALA A 97 -9.49 -11.34 -8.88
CA ALA A 97 -10.93 -11.08 -8.95
C ALA A 97 -11.27 -9.85 -9.79
N ILE A 98 -10.26 -9.14 -10.29
CA ILE A 98 -10.52 -8.04 -11.22
C ILE A 98 -10.93 -8.63 -12.57
N PRO A 99 -12.15 -8.34 -13.02
CA PRO A 99 -12.62 -8.87 -14.30
C PRO A 99 -11.58 -8.72 -15.40
N GLY A 100 -11.23 -9.84 -16.04
CA GLY A 100 -10.26 -9.82 -17.11
C GLY A 100 -8.83 -10.19 -16.73
N PHE A 101 -8.44 -9.94 -15.49
CA PHE A 101 -7.05 -10.15 -15.05
C PHE A 101 -6.64 -11.62 -15.15
N ALA A 102 -7.49 -12.51 -14.68
CA ALA A 102 -7.16 -13.95 -14.67
C ALA A 102 -7.08 -14.52 -16.07
N ASN A 103 -7.56 -13.78 -17.06
CA ASN A 103 -7.55 -14.27 -18.43
C ASN A 103 -6.25 -13.93 -19.14
N LEU A 104 -5.45 -13.06 -18.53
CA LEU A 104 -4.14 -12.75 -19.08
C LEU A 104 -3.22 -13.97 -19.01
N ASP A 105 -2.17 -13.99 -19.85
CA ASP A 105 -1.08 -14.96 -19.72
C ASP A 105 -0.52 -14.88 -18.30
N LEU A 106 -0.16 -16.01 -17.72
CA LEU A 106 0.31 -16.02 -16.34
C LEU A 106 1.49 -15.08 -16.11
N ASN A 107 2.42 -15.01 -17.05
CA ASN A 107 3.57 -14.15 -16.82
C ASN A 107 3.17 -12.65 -16.87
N ASP A 108 2.12 -12.30 -17.60
CA ASP A 108 1.62 -10.91 -17.56
C ASP A 108 0.97 -10.61 -16.20
N GLN A 109 0.25 -11.59 -15.65
CA GLN A 109 -0.36 -11.40 -14.32
C GLN A 109 0.74 -11.17 -13.28
N VAL A 110 1.75 -12.02 -13.36
CA VAL A 110 2.89 -11.93 -12.45
C VAL A 110 3.65 -10.60 -12.58
N THR A 111 3.85 -10.18 -13.82
CA THR A 111 4.53 -8.91 -14.09
C THR A 111 3.73 -7.70 -13.59
N LEU A 112 2.42 -7.69 -13.83
CA LEU A 112 1.59 -6.60 -13.31
C LEU A 112 1.68 -6.53 -11.78
N LEU A 113 1.66 -7.68 -11.13
CA LEU A 113 1.73 -7.67 -9.66
C LEU A 113 3.10 -7.25 -9.16
N LYS A 114 4.16 -7.77 -9.76
CA LYS A 114 5.51 -7.42 -9.33
C LYS A 114 5.72 -5.88 -9.37
N TYR A 115 5.31 -5.24 -10.46
CA TYR A 115 5.60 -3.81 -10.60
C TYR A 115 4.51 -2.93 -10.00
N GLY A 116 3.40 -3.54 -9.60
CA GLY A 116 2.27 -2.77 -9.08
C GLY A 116 2.01 -2.81 -7.58
N VAL A 117 2.43 -3.87 -6.89
CA VAL A 117 1.93 -4.06 -5.52
C VAL A 117 2.35 -2.96 -4.56
N TYR A 118 3.56 -2.43 -4.66
CA TYR A 118 3.96 -1.42 -3.69
C TYR A 118 3.32 -0.04 -3.94
N GLU A 119 3.00 0.29 -5.18
CA GLU A 119 2.19 1.49 -5.42
C GLU A 119 0.84 1.33 -4.71
N ALA A 120 0.24 0.15 -4.82
CA ALA A 120 -1.04 -0.10 -4.14
C ALA A 120 -0.88 -0.12 -2.63
N ILE A 121 0.22 -0.68 -2.16
CA ILE A 121 0.44 -0.78 -0.72
C ILE A 121 0.46 0.61 -0.08
N PHE A 122 1.21 1.53 -0.68
CA PHE A 122 1.36 2.85 -0.11
C PHE A 122 0.07 3.66 -0.25
N ALA A 123 -0.66 3.42 -1.32
CA ALA A 123 -1.98 4.04 -1.45
C ALA A 123 -2.88 3.58 -0.30
N MET A 124 -2.93 2.28 -0.04
CA MET A 124 -3.82 1.75 0.99
C MET A 124 -3.29 2.00 2.40
N LEU A 125 -1.98 2.22 2.52
CA LEU A 125 -1.39 2.48 3.82
C LEU A 125 -1.96 3.76 4.41
N SER A 126 -2.35 4.67 3.53
CA SER A 126 -2.90 5.96 3.96
C SER A 126 -4.12 5.74 4.85
N SER A 127 -4.89 4.69 4.55
CA SER A 127 -6.10 4.40 5.30
C SER A 127 -5.86 4.12 6.79
N VAL A 128 -4.69 3.57 7.15
CA VAL A 128 -4.41 3.28 8.56
C VAL A 128 -3.47 4.31 9.19
N MET A 129 -3.27 5.42 8.50
CA MET A 129 -2.44 6.51 9.02
C MET A 129 -3.29 7.72 9.37
N ASN A 130 -2.94 8.41 10.46
CA ASN A 130 -3.40 9.79 10.59
C ASN A 130 -2.18 10.69 10.87
N LYS A 131 -2.39 11.97 11.16
CA LYS A 131 -1.26 12.87 11.28
C LYS A 131 -0.30 12.45 12.39
N ASP A 132 -0.82 11.68 13.34
CA ASP A 132 -0.05 11.28 14.53
C ASP A 132 0.70 9.95 14.39
N GLY A 133 0.16 9.02 13.61
CA GLY A 133 0.83 7.73 13.50
C GLY A 133 0.03 6.73 12.69
N MET A 134 0.39 5.46 12.81
CA MET A 134 -0.27 4.45 12.00
C MET A 134 -0.60 3.20 12.78
N LEU A 135 -1.72 2.58 12.41
CA LEU A 135 -2.12 1.31 13.00
C LEU A 135 -1.12 0.22 12.63
N VAL A 136 -0.87 -0.69 13.57
CA VAL A 136 -0.04 -1.86 13.30
C VAL A 136 -0.63 -3.08 13.99
N ALA A 137 -0.17 -4.27 13.60
CA ALA A 137 -0.65 -5.53 14.16
C ALA A 137 -2.17 -5.63 14.08
N TYR A 138 -2.70 -5.52 12.86
CA TYR A 138 -4.13 -5.69 12.58
C TYR A 138 -4.97 -4.67 13.29
N GLY A 139 -4.37 -3.52 13.58
CA GLY A 139 -5.06 -2.41 14.16
C GLY A 139 -5.19 -2.48 15.66
N ASN A 140 -4.43 -3.37 16.29
CA ASN A 140 -4.45 -3.46 17.75
C ASN A 140 -3.21 -2.80 18.36
N GLY A 141 -2.38 -2.20 17.51
CA GLY A 141 -1.28 -1.36 17.95
C GLY A 141 -1.30 -0.05 17.18
N PHE A 142 -0.69 0.99 17.74
CA PHE A 142 -0.63 2.28 17.07
C PHE A 142 0.73 2.88 17.35
N ILE A 143 1.56 2.96 16.31
CA ILE A 143 2.89 3.50 16.47
C ILE A 143 2.87 4.95 16.01
N THR A 144 3.41 5.85 16.84
CA THR A 144 3.33 7.27 16.53
C THR A 144 4.37 7.68 15.48
N ARG A 145 4.00 8.68 14.68
CA ARG A 145 4.88 9.24 13.66
C ARG A 145 6.16 9.82 14.26
N GLU A 146 6.03 10.47 15.42
CA GLU A 146 7.20 11.08 16.06
C GLU A 146 8.19 10.02 16.53
N PHE A 147 7.68 8.91 17.05
CA PHE A 147 8.53 7.82 17.53
C PHE A 147 9.37 7.27 16.40
N LEU A 148 8.75 7.04 15.25
CA LEU A 148 9.48 6.58 14.07
C LEU A 148 10.56 7.57 13.63
N LYS A 149 10.24 8.85 13.77
CA LYS A 149 11.14 9.92 13.38
C LYS A 149 12.38 9.98 14.27
N SER A 150 12.28 9.39 15.46
CA SER A 150 13.36 9.43 16.46
C SER A 150 14.30 8.24 16.37
N LEU A 151 13.88 7.20 15.68
CA LEU A 151 14.71 6.01 15.48
C LEU A 151 16.03 6.43 14.83
N ARG A 152 17.07 5.61 15.00
CA ARG A 152 18.37 5.98 14.46
C ARG A 152 18.33 5.93 12.94
N LYS A 153 19.10 6.80 12.31
CA LYS A 153 19.25 6.80 10.86
C LYS A 153 19.78 5.44 10.42
N PRO A 154 19.35 4.95 9.24
CA PRO A 154 18.43 5.52 8.26
C PRO A 154 16.99 5.03 8.41
N PHE A 155 16.67 4.43 9.55
CA PHE A 155 15.34 3.88 9.79
C PHE A 155 14.29 4.97 10.04
N CYS A 156 14.74 6.14 10.48
CA CYS A 156 13.83 7.24 10.79
C CYS A 156 13.33 7.94 9.53
N ASP A 157 13.94 7.60 8.41
CA ASP A 157 13.57 8.21 7.12
C ASP A 157 12.72 7.29 6.25
N ILE A 158 12.38 6.11 6.76
CA ILE A 158 11.62 5.16 5.95
C ILE A 158 10.14 5.55 5.84
N MET A 159 9.49 5.77 6.97
CA MET A 159 8.04 5.98 6.95
C MET A 159 7.61 7.44 6.74
N GLU A 160 8.51 8.37 6.97
CA GLU A 160 8.14 9.78 6.90
C GLU A 160 7.60 10.19 5.50
N PRO A 161 8.27 9.79 4.40
CA PRO A 161 7.71 10.17 3.11
C PRO A 161 6.34 9.52 2.83
N LYS A 162 6.06 8.41 3.49
CA LYS A 162 4.78 7.72 3.30
C LYS A 162 3.67 8.45 4.06
N PHE A 163 3.98 8.96 5.25
CA PHE A 163 3.07 9.81 5.99
C PHE A 163 2.78 11.07 5.16
N ASP A 164 3.81 11.64 4.56
CA ASP A 164 3.66 12.86 3.76
C ASP A 164 2.67 12.59 2.62
N PHE A 165 2.86 11.48 1.92
CA PHE A 165 1.92 11.11 0.87
C PHE A 165 0.52 10.92 1.44
N ALA A 166 0.43 10.18 2.52
CA ALA A 166 -0.87 9.83 3.08
C ALA A 166 -1.67 11.04 3.53
N MET A 167 -0.98 12.05 4.05
CA MET A 167 -1.73 13.21 4.56
C MET A 167 -2.42 13.92 3.39
N LYS A 168 -1.71 14.08 2.27
CA LYS A 168 -2.31 14.67 1.07
C LYS A 168 -3.41 13.80 0.45
N PHE A 169 -3.19 12.49 0.46
CA PHE A 169 -4.15 11.51 -0.06
C PHE A 169 -5.42 11.50 0.79
N ASN A 170 -5.26 11.41 2.11
CA ASN A 170 -6.42 11.37 2.99
C ASN A 170 -7.26 12.63 2.92
N ALA A 171 -6.62 13.74 2.58
CA ALA A 171 -7.33 15.00 2.46
C ALA A 171 -8.35 14.96 1.31
N LEU A 172 -8.13 14.06 0.36
CA LEU A 172 -9.07 13.87 -0.74
C LEU A 172 -10.36 13.23 -0.25
N GLU A 173 -10.32 12.64 0.94
CA GLU A 173 -11.51 12.10 1.60
C GLU A 173 -12.24 11.06 0.74
N LEU A 174 -11.47 10.16 0.12
CA LEU A 174 -12.07 9.04 -0.60
C LEU A 174 -12.67 8.02 0.36
N ASP A 175 -13.60 7.21 -0.14
CA ASP A 175 -14.03 6.01 0.61
C ASP A 175 -13.55 4.74 -0.07
N ASP A 176 -13.89 3.58 0.49
CA ASP A 176 -13.39 2.32 -0.05
C ASP A 176 -13.90 2.05 -1.47
N SER A 177 -15.10 2.53 -1.81
CA SER A 177 -15.59 2.34 -3.16
C SER A 177 -14.71 3.08 -4.17
N ASP A 178 -14.20 4.25 -3.78
CA ASP A 178 -13.24 5.00 -4.62
C ASP A 178 -11.88 4.29 -4.68
N ILE A 179 -11.40 3.89 -3.52
CA ILE A 179 -10.06 3.33 -3.38
C ILE A 179 -9.93 1.98 -4.08
N SER A 180 -10.96 1.15 -4.00
CA SER A 180 -10.96 -0.13 -4.72
C SER A 180 -10.70 0.06 -6.23
N LEU A 181 -11.36 1.05 -6.85
CA LEU A 181 -11.15 1.33 -8.26
C LEU A 181 -9.75 1.86 -8.57
N PHE A 182 -9.28 2.74 -7.68
CA PHE A 182 -7.95 3.30 -7.75
C PHE A 182 -6.89 2.18 -7.73
N VAL A 183 -6.99 1.29 -6.75
CA VAL A 183 -6.06 0.16 -6.64
C VAL A 183 -6.11 -0.77 -7.86
N ALA A 184 -7.31 -1.05 -8.38
CA ALA A 184 -7.42 -1.84 -9.62
C ALA A 184 -6.71 -1.16 -10.79
N ALA A 185 -6.81 0.17 -10.86
CA ALA A 185 -6.19 0.91 -11.96
C ALA A 185 -4.66 0.90 -11.87
N ILE A 186 -4.15 0.93 -10.65
CA ILE A 186 -2.72 0.80 -10.40
C ILE A 186 -2.18 -0.55 -10.89
N ILE A 187 -2.91 -1.61 -10.56
CA ILE A 187 -2.45 -2.95 -10.90
C ILE A 187 -2.57 -3.23 -12.42
N CYS A 188 -3.68 -2.81 -13.01
CA CYS A 188 -3.88 -3.07 -14.44
C CYS A 188 -3.27 -1.96 -15.27
N CYS A 189 -1.95 -1.93 -15.31
CA CYS A 189 -1.22 -0.82 -15.91
C CYS A 189 -0.41 -1.32 -17.11
N GLY A 190 -0.71 -0.76 -18.26
CA GLY A 190 -0.12 -1.21 -19.52
C GLY A 190 1.35 -0.92 -19.78
N ASP A 191 2.02 -0.16 -18.94
CA ASP A 191 3.40 0.22 -19.24
C ASP A 191 4.47 -0.41 -18.34
N ARG A 192 4.08 -1.43 -17.59
CA ARG A 192 5.07 -2.21 -16.87
C ARG A 192 6.03 -2.85 -17.88
N PRO A 193 7.31 -2.93 -17.53
CA PRO A 193 8.24 -3.57 -18.47
C PRO A 193 7.94 -5.05 -18.69
N GLY A 194 8.03 -5.51 -19.94
CA GLY A 194 8.03 -6.94 -20.23
C GLY A 194 6.67 -7.61 -20.33
N LEU A 195 5.65 -6.85 -20.67
CA LEU A 195 4.32 -7.40 -20.88
C LEU A 195 4.17 -7.96 -22.28
N LEU A 196 3.39 -9.04 -22.40
CA LEU A 196 3.13 -9.65 -23.69
C LEU A 196 1.93 -8.98 -24.36
N ASN A 197 0.78 -9.00 -23.69
CA ASN A 197 -0.44 -8.46 -24.29
C ASN A 197 -0.70 -7.02 -23.83
N VAL A 198 0.21 -6.13 -24.21
CA VAL A 198 0.10 -4.73 -23.80
C VAL A 198 -1.22 -4.10 -24.27
N GLY A 199 -1.60 -4.41 -25.51
CA GLY A 199 -2.85 -3.89 -26.06
C GLY A 199 -4.06 -4.13 -25.20
N HIS A 200 -4.24 -5.38 -24.78
CA HIS A 200 -5.40 -5.72 -24.00
C HIS A 200 -5.34 -5.18 -22.56
N ILE A 201 -4.15 -5.17 -21.96
CA ILE A 201 -4.00 -4.64 -20.61
C ILE A 201 -4.33 -3.13 -20.61
N GLU A 202 -3.87 -2.42 -21.65
CA GLU A 202 -4.22 -1.01 -21.81
C GLU A 202 -5.74 -0.79 -21.93
N LYS A 203 -6.43 -1.67 -22.64
CA LYS A 203 -7.89 -1.55 -22.74
C LYS A 203 -8.60 -1.84 -21.41
N MET A 204 -8.05 -2.79 -20.64
CA MET A 204 -8.56 -3.03 -19.29
C MET A 204 -8.39 -1.80 -18.42
N GLN A 205 -7.20 -1.21 -18.49
CA GLN A 205 -6.90 0.00 -17.72
C GLN A 205 -7.82 1.14 -18.12
N GLU A 206 -7.98 1.31 -19.43
CA GLU A 206 -8.84 2.38 -19.95
C GLU A 206 -10.27 2.27 -19.40
N GLY A 207 -10.80 1.04 -19.37
CA GLY A 207 -12.13 0.81 -18.83
C GLY A 207 -12.25 1.14 -17.35
N ILE A 208 -11.29 0.67 -16.56
CA ILE A 208 -11.31 0.96 -15.12
C ILE A 208 -11.22 2.47 -14.83
N VAL A 209 -10.33 3.15 -15.55
CA VAL A 209 -10.09 4.57 -15.31
C VAL A 209 -11.33 5.38 -15.72
N HIS A 210 -12.03 4.92 -16.75
CA HIS A 210 -13.27 5.56 -17.19
C HIS A 210 -14.33 5.43 -16.11
N VAL A 211 -14.51 4.22 -15.60
CA VAL A 211 -15.47 3.97 -14.53
C VAL A 211 -15.10 4.75 -13.26
N LEU A 212 -13.81 4.85 -12.99
CA LEU A 212 -13.32 5.63 -11.85
C LEU A 212 -13.76 7.09 -11.97
N ARG A 213 -13.62 7.67 -13.17
CA ARG A 213 -13.97 9.08 -13.35
C ARG A 213 -15.46 9.31 -13.12
N LEU A 214 -16.28 8.46 -13.73
CA LEU A 214 -17.71 8.61 -13.59
C LEU A 214 -18.14 8.35 -12.17
N HIS A 215 -17.51 7.37 -11.52
CA HIS A 215 -17.79 7.10 -10.12
C HIS A 215 -17.46 8.29 -9.23
N LEU A 216 -16.33 8.96 -9.48
CA LEU A 216 -15.95 10.08 -8.65
C LEU A 216 -16.90 11.25 -8.87
N GLN A 217 -17.38 11.40 -10.10
CA GLN A 217 -18.30 12.52 -10.38
C GLN A 217 -19.62 12.35 -9.64
N SER A 218 -20.05 11.11 -9.45
CA SER A 218 -21.29 10.84 -8.71
C SER A 218 -21.10 10.84 -7.20
N ASN A 219 -19.97 10.30 -6.75
CA ASN A 219 -19.73 10.16 -5.33
C ASN A 219 -19.22 11.44 -4.70
N HIS A 220 -18.63 12.30 -5.53
CA HIS A 220 -18.02 13.54 -5.06
C HIS A 220 -18.29 14.69 -6.04
N PRO A 221 -19.57 15.03 -6.27
CA PRO A 221 -19.86 16.08 -7.25
C PRO A 221 -19.38 17.47 -6.81
N ASP A 222 -18.98 17.60 -5.55
CA ASP A 222 -18.53 18.88 -5.01
C ASP A 222 -17.03 19.15 -5.24
N ASP A 223 -16.35 18.20 -5.88
CA ASP A 223 -14.92 18.36 -6.20
C ASP A 223 -14.66 18.00 -7.66
N ILE A 224 -14.84 18.95 -8.58
CA ILE A 224 -14.68 18.67 -10.00
C ILE A 224 -13.28 18.13 -10.35
N PHE A 225 -12.27 18.57 -9.63
CA PHE A 225 -10.89 18.21 -9.96
C PHE A 225 -10.39 16.95 -9.23
N LEU A 226 -11.30 16.23 -8.59
CA LEU A 226 -10.89 15.02 -7.85
C LEU A 226 -10.27 13.96 -8.74
N PHE A 227 -10.82 13.72 -9.92
CA PHE A 227 -10.24 12.72 -10.81
C PHE A 227 -8.81 13.12 -11.22
N PRO A 228 -8.60 14.36 -11.72
CA PRO A 228 -7.19 14.71 -11.97
C PRO A 228 -6.30 14.66 -10.73
N LYS A 229 -6.81 15.02 -9.55
CA LYS A 229 -6.02 14.90 -8.33
C LYS A 229 -5.59 13.46 -8.07
N LEU A 230 -6.46 12.50 -8.33
CA LEU A 230 -6.10 11.08 -8.16
C LEU A 230 -5.08 10.60 -9.20
N LEU A 231 -5.23 11.05 -10.44
CA LEU A 231 -4.21 10.74 -11.44
C LEU A 231 -2.84 11.33 -11.02
N GLN A 232 -2.84 12.51 -10.41
CA GLN A 232 -1.60 13.04 -9.84
C GLN A 232 -1.03 12.12 -8.74
N LYS A 233 -1.91 11.54 -7.94
CA LYS A 233 -1.46 10.65 -6.87
C LYS A 233 -0.86 9.39 -7.46
N MET A 234 -1.36 8.95 -8.61
CA MET A 234 -0.75 7.81 -9.29
C MET A 234 0.70 8.11 -9.66
N ALA A 235 0.91 9.29 -10.23
CA ALA A 235 2.27 9.75 -10.55
C ALA A 235 3.12 9.84 -9.29
N ASP A 236 2.53 10.35 -8.21
CA ASP A 236 3.24 10.47 -6.94
C ASP A 236 3.67 9.11 -6.38
N LEU A 237 2.82 8.11 -6.55
CA LEU A 237 3.10 6.80 -5.97
C LEU A 237 4.24 6.13 -6.71
N ARG A 238 4.29 6.32 -8.02
CA ARG A 238 5.38 5.73 -8.79
C ARG A 238 6.72 6.32 -8.30
N GLN A 239 6.76 7.63 -8.05
CA GLN A 239 7.96 8.26 -7.51
C GLN A 239 8.26 7.80 -6.07
N LEU A 240 7.22 7.70 -5.25
CA LEU A 240 7.35 7.23 -3.88
C LEU A 240 7.95 5.82 -3.82
N VAL A 241 7.59 4.98 -4.79
CA VAL A 241 8.04 3.58 -4.73
C VAL A 241 9.51 3.47 -5.13
N THR A 242 9.89 4.20 -6.16
CA THR A 242 11.27 4.26 -6.60
C THR A 242 12.21 4.72 -5.49
N GLU A 243 11.82 5.79 -4.79
CA GLU A 243 12.61 6.35 -3.70
C GLU A 243 12.72 5.40 -2.54
N HIS A 244 11.68 4.61 -2.32
CA HIS A 244 11.67 3.64 -1.25
C HIS A 244 12.62 2.49 -1.55
N ALA A 245 12.70 2.12 -2.83
CA ALA A 245 13.57 1.03 -3.26
C ALA A 245 15.01 1.31 -2.86
N GLN A 246 15.44 2.55 -3.06
CA GLN A 246 16.82 2.94 -2.79
C GLN A 246 17.11 3.00 -1.30
N LEU A 247 16.22 3.63 -0.54
CA LEU A 247 16.40 3.68 0.91
C LEU A 247 16.48 2.26 1.46
N VAL A 248 15.67 1.36 0.91
CA VAL A 248 15.74 -0.05 1.31
C VAL A 248 17.10 -0.63 0.97
N GLN A 249 17.61 -0.32 -0.22
CA GLN A 249 18.89 -0.83 -0.67
C GLN A 249 20.03 -0.40 0.25
N ILE A 250 20.03 0.88 0.60
CA ILE A 250 21.04 1.42 1.50
C ILE A 250 21.05 0.71 2.85
N ILE A 251 19.87 0.48 3.41
CA ILE A 251 19.80 -0.17 4.71
C ILE A 251 20.35 -1.60 4.66
N LYS A 252 20.24 -2.25 3.51
CA LYS A 252 20.78 -3.61 3.35
C LYS A 252 22.30 -3.56 3.35
N LYS A 253 22.83 -2.48 2.79
CA LYS A 253 24.28 -2.26 2.71
C LYS A 253 24.89 -1.86 4.05
N THR A 254 24.23 -0.93 4.74
CA THR A 254 24.77 -0.34 5.96
C THR A 254 24.39 -1.14 7.20
N GLU A 255 23.45 -2.06 7.02
CA GLU A 255 22.88 -2.77 8.15
C GLU A 255 22.56 -4.23 7.78
N SER A 256 23.17 -5.16 8.50
CA SER A 256 22.91 -6.58 8.32
C SER A 256 23.07 -7.33 9.64
N ASP A 257 22.79 -6.61 10.72
CA ASP A 257 22.27 -7.19 11.96
C ASP A 257 20.95 -7.89 11.58
N ALA A 258 20.31 -7.34 10.56
CA ALA A 258 18.98 -7.73 10.14
C ALA A 258 18.95 -8.64 8.91
N ALA A 259 17.77 -8.72 8.30
CA ALA A 259 17.57 -9.43 7.05
C ALA A 259 16.31 -8.92 6.34
N LEU A 260 16.49 -8.47 5.12
CA LEU A 260 15.40 -8.07 4.24
C LEU A 260 14.62 -9.31 3.81
N HIS A 261 13.29 -9.24 3.82
CA HIS A 261 12.48 -10.38 3.40
C HIS A 261 12.85 -10.75 1.96
N PRO A 262 13.05 -12.06 1.71
CA PRO A 262 13.43 -12.56 0.38
C PRO A 262 12.55 -12.07 -0.76
N LEU A 263 11.24 -11.98 -0.52
CA LEU A 263 10.32 -11.53 -1.56
C LEU A 263 10.57 -10.07 -1.93
N LEU A 264 10.71 -9.25 -0.89
CA LEU A 264 10.98 -7.84 -1.08
C LEU A 264 12.31 -7.65 -1.79
N GLN A 265 13.26 -8.53 -1.50
CA GLN A 265 14.55 -8.50 -2.17
C GLN A 265 14.39 -8.64 -3.69
N GLU A 266 13.54 -9.56 -4.13
CA GLU A 266 13.37 -9.80 -5.56
C GLU A 266 12.53 -8.70 -6.21
N ILE A 267 11.56 -8.17 -5.48
CA ILE A 267 10.72 -7.12 -6.03
C ILE A 267 11.53 -5.86 -6.22
N TYR A 268 12.31 -5.49 -5.21
CA TYR A 268 13.08 -4.25 -5.24
C TYR A 268 14.29 -4.29 -6.17
N ARG A 269 14.86 -5.48 -6.36
CA ARG A 269 16.10 -5.63 -7.14
C ARG A 269 15.98 -5.03 -8.53
N ASP A 270 17.06 -4.39 -8.98
CA ASP A 270 17.17 -3.65 -10.25
C ASP A 270 15.89 -3.31 -11.03
N MET A 271 14.73 -3.23 -10.36
CA MET A 271 13.60 -2.60 -10.99
C MET A 271 13.98 -1.11 -11.01
N TYR A 272 13.77 -0.40 -9.90
CA TYR A 272 14.02 1.02 -9.85
C TYR A 272 14.91 1.34 -8.66
#